data_6IMY
#
_entry.id   6IMY
#
_cell.length_a   42.925
_cell.length_b   85.015
_cell.length_c   63.834
_cell.angle_alpha   90.00
_cell.angle_beta   90.00
_cell.angle_gamma   90.00
#
_symmetry.space_group_name_H-M   'P 21 21 2'
#
loop_
_entity.id
_entity.type
_entity.pdbx_description
1 polymer Transthyretin
2 non-polymer '2,3,5,6,8,9,11,12,14,15-decahydro-1,4,7,10,13,16-benzohexaoxacyclooctadecine-18-carboxylic acid'
3 water water
#
_entity_poly.entity_id   1
_entity_poly.type   'polypeptide(L)'
_entity_poly.pdbx_seq_one_letter_code
;MRGSHHHHHHGSMASHRLLLLCLAGLVFVSEAGPTGTGESKCPLMVKVLDAVRGSPAINVAMHVFRKAADDTWEPFASGK
TSESGELHGLTTEEEFVEGIYKVEIDTKSYWKALGISPFHEHAEVVFTANDSGPRRYTIAALLSPYSYSTTAVVTNPKE
;
_entity_poly.pdbx_strand_id   A,B
#
loop_
_chem_comp.id
_chem_comp.type
_chem_comp.name
_chem_comp.formula
AJU non-polymer '2,3,5,6,8,9,11,12,14,15-decahydro-1,4,7,10,13,16-benzohexaoxacyclooctadecine-18-carboxylic acid' 'C17 H24 O8'
#
# COMPACT_ATOMS: atom_id res chain seq x y z
N CYS A 42 16.98 13.42 -10.48
CA CYS A 42 15.86 12.51 -10.32
C CYS A 42 15.83 11.91 -8.92
N PRO A 43 15.37 12.69 -7.94
CA PRO A 43 15.30 12.17 -6.55
C PRO A 43 14.23 11.14 -6.31
N LEU A 44 13.25 10.99 -7.21
CA LEU A 44 12.16 10.04 -6.99
C LEU A 44 11.92 9.30 -8.31
N MET A 45 12.08 7.98 -8.29
CA MET A 45 11.81 7.16 -9.46
C MET A 45 10.97 5.97 -9.02
N VAL A 46 10.09 5.50 -9.91
CA VAL A 46 9.25 4.35 -9.62
C VAL A 46 9.42 3.31 -10.72
N LYS A 47 9.60 2.06 -10.32
CA LYS A 47 9.73 0.94 -11.24
C LYS A 47 8.65 -0.07 -10.91
N VAL A 48 7.95 -0.57 -11.95
CA VAL A 48 6.83 -1.48 -11.76
C VAL A 48 7.03 -2.71 -12.63
N LEU A 49 6.90 -3.89 -12.02
CA LEU A 49 7.03 -5.17 -12.69
C LEU A 49 5.74 -5.97 -12.63
N ASP A 50 5.48 -6.71 -13.70
CA ASP A 50 4.31 -7.59 -13.82
C ASP A 50 4.76 -9.03 -13.59
N ALA A 51 4.30 -9.62 -12.48
CA ALA A 51 4.70 -10.97 -12.12
C ALA A 51 3.89 -12.05 -12.82
N VAL A 52 2.83 -11.69 -13.54
CA VAL A 52 2.11 -12.66 -14.37
C VAL A 52 2.84 -12.88 -15.69
N ARG A 53 3.20 -11.79 -16.38
CA ARG A 53 3.84 -11.88 -17.68
C ARG A 53 5.36 -11.95 -17.61
N GLY A 54 5.97 -11.63 -16.47
CA GLY A 54 7.41 -11.53 -16.41
C GLY A 54 7.96 -10.42 -17.27
N SER A 55 7.39 -9.23 -17.10
CA SER A 55 7.67 -8.10 -17.97
CA SER A 55 7.68 -8.10 -17.96
C SER A 55 7.65 -6.84 -17.12
N PRO A 56 8.27 -5.76 -17.59
CA PRO A 56 7.95 -4.45 -17.01
C PRO A 56 6.44 -4.24 -17.12
N ALA A 57 5.88 -3.52 -16.15
CA ALA A 57 4.48 -3.13 -16.24
C ALA A 57 4.43 -1.77 -16.91
N ILE A 58 3.94 -1.75 -18.15
CA ILE A 58 4.05 -0.62 -19.06
C ILE A 58 2.76 0.18 -19.01
N ASN A 59 2.89 1.51 -19.08
CA ASN A 59 1.74 2.41 -19.15
C ASN A 59 0.88 2.35 -17.90
N VAL A 60 1.52 2.15 -16.75
CA VAL A 60 0.84 2.19 -15.46
C VAL A 60 0.81 3.64 -14.98
N ALA A 61 -0.39 4.16 -14.75
CA ALA A 61 -0.53 5.52 -14.24
C ALA A 61 -0.29 5.54 -12.74
N MET A 62 0.27 6.65 -12.26
CA MET A 62 0.39 6.83 -10.82
C MET A 62 0.35 8.31 -10.48
N HIS A 63 -0.12 8.60 -9.27
CA HIS A 63 -0.27 9.96 -8.78
C HIS A 63 0.46 10.09 -7.46
N VAL A 64 1.22 11.18 -7.32
CA VAL A 64 1.97 11.46 -6.11
C VAL A 64 1.31 12.63 -5.41
N PHE A 65 1.14 12.50 -4.09
CA PHE A 65 0.56 13.54 -3.26
C PHE A 65 1.52 13.86 -2.13
N ARG A 66 1.38 15.06 -1.58
CA ARG A 66 2.19 15.48 -0.45
C ARG A 66 1.26 16.00 0.63
N LYS A 67 1.50 15.61 1.87
CA LYS A 67 0.63 16.05 2.96
C LYS A 67 0.85 17.53 3.22
N ALA A 68 -0.23 18.31 3.17
CA ALA A 68 -0.15 19.75 3.35
C ALA A 68 -0.24 20.11 4.83
N ALA A 69 -0.13 21.41 5.11
CA ALA A 69 -0.08 21.88 6.49
C ALA A 69 -1.39 21.60 7.23
N ASP A 70 -2.50 21.50 6.50
CA ASP A 70 -3.79 21.19 7.06
C ASP A 70 -4.06 19.69 7.16
N ASP A 71 -3.05 18.86 6.86
CA ASP A 71 -3.15 17.41 6.95
C ASP A 71 -4.13 16.83 5.93
N THR A 72 -4.13 17.40 4.73
CA THR A 72 -4.82 16.84 3.58
C THR A 72 -3.78 16.48 2.53
N TRP A 73 -4.16 15.59 1.62
CA TRP A 73 -3.25 15.15 0.57
C TRP A 73 -3.40 16.09 -0.63
N GLU A 74 -2.35 16.81 -0.91
CA GLU A 74 -2.28 17.78 -1.98
C GLU A 74 -1.62 17.14 -3.20
N PRO A 75 -2.16 17.33 -4.41
CA PRO A 75 -1.47 16.84 -5.61
C PRO A 75 -0.04 17.38 -5.69
N PHE A 76 0.86 16.51 -6.14
CA PHE A 76 2.30 16.79 -6.22
C PHE A 76 2.82 16.57 -7.64
N ALA A 77 2.68 15.35 -8.15
CA ALA A 77 3.13 15.03 -9.50
C ALA A 77 2.39 13.78 -9.97
N SER A 78 2.41 13.51 -11.27
CA SER A 78 1.87 12.25 -11.78
C SER A 78 2.55 11.89 -13.08
N GLY A 79 2.37 10.64 -13.49
CA GLY A 79 2.95 10.18 -14.74
C GLY A 79 2.59 8.73 -14.98
N LYS A 80 3.19 8.15 -16.03
CA LYS A 80 2.93 6.77 -16.40
C LYS A 80 4.25 6.05 -16.68
N THR A 81 4.28 4.76 -16.41
CA THR A 81 5.52 4.01 -16.64
C THR A 81 5.78 3.84 -18.14
N SER A 82 7.06 3.84 -18.49
CA SER A 82 7.52 3.71 -19.87
C SER A 82 7.55 2.23 -20.28
N GLU A 83 8.08 1.96 -21.47
CA GLU A 83 8.25 0.59 -21.93
C GLU A 83 9.17 -0.22 -21.03
N SER A 84 10.03 0.42 -20.25
CA SER A 84 10.88 -0.29 -19.29
C SER A 84 10.22 -0.45 -17.93
N GLY A 85 8.98 -0.01 -17.78
CA GLY A 85 8.29 -0.08 -16.51
C GLY A 85 8.70 0.99 -15.54
N GLU A 86 9.42 2.02 -16.00
CA GLU A 86 9.98 3.01 -15.11
C GLU A 86 9.32 4.37 -15.34
N LEU A 87 9.19 5.14 -14.26
CA LEU A 87 8.71 6.51 -14.36
C LEU A 87 9.80 7.39 -13.77
N HIS A 88 10.41 8.20 -14.62
CA HIS A 88 11.41 9.15 -14.17
C HIS A 88 10.87 10.55 -14.33
N GLY A 89 11.63 11.51 -13.80
CA GLY A 89 11.29 12.91 -13.98
C GLY A 89 10.08 13.42 -13.21
N LEU A 90 9.59 12.69 -12.20
CA LEU A 90 8.43 13.16 -11.45
C LEU A 90 8.69 14.50 -10.76
N THR A 91 9.91 14.72 -10.27
CA THR A 91 10.19 15.94 -9.51
C THR A 91 11.67 16.30 -9.66
N THR A 92 12.10 17.30 -8.88
CA THR A 92 13.47 17.79 -8.88
C THR A 92 13.97 17.86 -7.45
N GLU A 93 15.28 17.98 -7.29
CA GLU A 93 15.87 18.12 -5.95
C GLU A 93 15.30 19.34 -5.22
N GLU A 94 15.06 20.44 -5.93
CA GLU A 94 14.57 21.66 -5.30
C GLU A 94 13.11 21.52 -4.92
N GLU A 95 12.32 20.84 -5.77
CA GLU A 95 10.89 20.74 -5.50
C GLU A 95 10.58 19.68 -4.45
N PHE A 96 11.41 18.66 -4.29
CA PHE A 96 11.01 17.53 -3.46
C PHE A 96 11.63 17.85 -2.10
N VAL A 97 10.81 18.52 -1.29
CA VAL A 97 11.28 19.02 -0.02
C VAL A 97 10.93 17.98 1.01
N GLU A 98 11.32 18.20 2.25
CA GLU A 98 10.87 17.35 3.34
C GLU A 98 9.35 17.29 3.34
N GLY A 99 8.83 16.12 3.64
CA GLY A 99 7.39 15.98 3.79
C GLY A 99 7.01 14.53 3.85
N ILE A 100 5.70 14.32 3.99
CA ILE A 100 5.11 12.99 3.87
C ILE A 100 4.46 12.91 2.50
N TYR A 101 4.84 11.89 1.74
CA TYR A 101 4.41 11.70 0.37
C TYR A 101 3.65 10.40 0.23
N LYS A 102 2.69 10.39 -0.69
CA LYS A 102 1.94 9.19 -1.05
C LYS A 102 2.03 9.00 -2.55
N VAL A 103 2.44 7.81 -2.97
CA VAL A 103 2.37 7.41 -4.38
C VAL A 103 1.23 6.41 -4.49
N GLU A 104 0.23 6.73 -5.31
CA GLU A 104 -0.88 5.82 -5.58
C GLU A 104 -0.73 5.32 -7.02
N ILE A 105 -0.42 4.03 -7.17
CA ILE A 105 -0.14 3.43 -8.46
C ILE A 105 -1.42 2.76 -8.92
N ASP A 106 -1.93 3.10 -10.10
CA ASP A 106 -3.25 2.55 -10.43
C ASP A 106 -2.98 1.20 -11.07
N THR A 107 -3.01 0.19 -10.21
CA THR A 107 -2.80 -1.18 -10.63
C THR A 107 -4.09 -1.77 -11.16
N LYS A 108 -5.24 -1.25 -10.70
CA LYS A 108 -6.51 -1.79 -11.13
C LYS A 108 -6.72 -1.58 -12.62
N SER A 109 -6.46 -0.36 -13.11
CA SER A 109 -6.63 -0.10 -14.54
C SER A 109 -5.63 -0.88 -15.38
N TYR A 110 -4.42 -1.10 -14.84
CA TYR A 110 -3.45 -1.94 -15.53
C TYR A 110 -3.98 -3.35 -15.72
N TRP A 111 -4.43 -3.99 -14.63
CA TRP A 111 -4.89 -5.37 -14.75
C TRP A 111 -6.13 -5.46 -15.62
N LYS A 112 -7.05 -4.52 -15.49
CA LYS A 112 -8.29 -4.57 -16.29
C LYS A 112 -7.98 -4.49 -17.79
N ALA A 113 -6.99 -3.69 -18.17
CA ALA A 113 -6.62 -3.57 -19.58
C ALA A 113 -6.07 -4.89 -20.11
N LEU A 114 -5.51 -5.71 -19.22
CA LEU A 114 -5.03 -7.04 -19.58
C LEU A 114 -6.12 -8.11 -19.45
N GLY A 115 -7.34 -7.71 -19.12
CA GLY A 115 -8.45 -8.65 -19.00
C GLY A 115 -8.58 -9.30 -17.65
N ILE A 116 -7.88 -8.79 -16.64
CA ILE A 116 -7.86 -9.38 -15.31
C ILE A 116 -8.60 -8.46 -14.35
N SER A 117 -9.47 -9.04 -13.52
CA SER A 117 -10.16 -8.24 -12.51
C SER A 117 -9.42 -8.42 -11.19
N PRO A 118 -8.63 -7.43 -10.74
CA PRO A 118 -7.71 -7.67 -9.63
C PRO A 118 -8.35 -7.34 -8.28
N PHE A 119 -7.62 -7.61 -7.22
CA PHE A 119 -8.16 -7.39 -5.89
C PHE A 119 -8.09 -5.93 -5.47
N HIS A 120 -6.93 -5.30 -5.64
CA HIS A 120 -6.67 -3.99 -5.07
C HIS A 120 -7.12 -2.85 -5.99
N GLU A 121 -7.58 -1.76 -5.38
CA GLU A 121 -7.84 -0.55 -6.15
C GLU A 121 -6.55 0.06 -6.69
N HIS A 122 -5.49 0.03 -5.89
CA HIS A 122 -4.21 0.56 -6.31
C HIS A 122 -3.15 0.02 -5.35
N ALA A 123 -1.90 0.32 -5.65
CA ALA A 123 -0.78 -0.02 -4.79
C ALA A 123 -0.25 1.29 -4.27
N GLU A 124 -0.09 1.38 -2.95
CA GLU A 124 0.21 2.64 -2.30
C GLU A 124 1.62 2.59 -1.71
N VAL A 125 2.22 3.77 -1.62
CA VAL A 125 3.44 3.93 -0.85
C VAL A 125 3.31 5.24 -0.11
N VAL A 126 3.32 5.20 1.23
CA VAL A 126 3.24 6.42 2.05
C VAL A 126 4.52 6.48 2.87
N PHE A 127 5.27 7.58 2.75
CA PHE A 127 6.57 7.64 3.40
C PHE A 127 6.98 9.09 3.70
N THR A 128 7.80 9.24 4.74
CA THR A 128 8.45 10.51 5.02
C THR A 128 9.72 10.59 4.19
N ALA A 129 9.92 11.72 3.52
CA ALA A 129 11.08 11.94 2.65
C ALA A 129 11.94 13.07 3.17
N ASN A 130 13.26 12.88 3.06
CA ASN A 130 14.26 13.95 3.19
C ASN A 130 14.33 14.57 4.58
N ASP A 131 13.94 13.84 5.62
CA ASP A 131 14.01 14.45 6.94
C ASP A 131 15.40 14.36 7.57
N SER A 132 16.27 13.51 7.02
CA SER A 132 17.69 13.45 7.35
C SER A 132 18.57 14.25 6.40
N GLY A 133 17.97 15.04 5.51
CA GLY A 133 18.66 15.63 4.39
C GLY A 133 18.20 14.94 3.11
N PRO A 134 18.56 15.51 1.95
CA PRO A 134 18.07 14.95 0.68
C PRO A 134 18.55 13.53 0.47
N ARG A 135 17.64 12.70 -0.04
CA ARG A 135 17.93 11.35 -0.47
C ARG A 135 17.33 11.11 -1.84
N ARG A 136 17.81 10.06 -2.49
CA ARG A 136 17.25 9.58 -3.74
C ARG A 136 16.44 8.33 -3.43
N TYR A 137 15.21 8.28 -3.93
CA TYR A 137 14.27 7.22 -3.62
C TYR A 137 13.91 6.50 -4.90
N THR A 138 14.11 5.19 -4.92
CA THR A 138 13.54 4.34 -5.96
C THR A 138 12.49 3.46 -5.31
N ILE A 139 11.27 3.54 -5.79
CA ILE A 139 10.17 2.72 -5.33
CA ILE A 139 10.17 2.71 -5.32
C ILE A 139 9.97 1.62 -6.35
N ALA A 140 10.10 0.37 -5.91
CA ALA A 140 9.91 -0.78 -6.78
C ALA A 140 8.62 -1.48 -6.38
N ALA A 141 7.72 -1.65 -7.32
CA ALA A 141 6.45 -2.32 -7.07
C ALA A 141 6.40 -3.58 -7.92
N LEU A 142 6.05 -4.70 -7.31
CA LEU A 142 5.95 -5.99 -7.98
C LEU A 142 4.48 -6.42 -7.92
N LEU A 143 3.85 -6.60 -9.08
CA LEU A 143 2.39 -6.73 -9.13
C LEU A 143 1.92 -8.12 -9.54
N SER A 144 0.97 -8.64 -8.78
CA SER A 144 0.13 -9.76 -9.19
C SER A 144 -1.32 -9.39 -8.96
N PRO A 145 -2.25 -10.11 -9.58
CA PRO A 145 -3.65 -9.67 -9.46
C PRO A 145 -4.14 -9.60 -8.02
N TYR A 146 -3.79 -10.56 -7.17
CA TYR A 146 -4.17 -10.60 -5.76
C TYR A 146 -3.07 -10.21 -4.76
N SER A 147 -1.90 -9.76 -5.23
CA SER A 147 -0.82 -9.49 -4.29
C SER A 147 0.09 -8.44 -4.91
N TYR A 148 0.66 -7.60 -4.06
CA TYR A 148 1.74 -6.73 -4.54
C TYR A 148 2.73 -6.52 -3.42
N SER A 149 3.95 -6.19 -3.80
CA SER A 149 4.94 -5.75 -2.83
C SER A 149 5.51 -4.41 -3.27
N THR A 150 5.80 -3.56 -2.29
CA THR A 150 6.47 -2.30 -2.60
C THR A 150 7.71 -2.19 -1.73
N THR A 151 8.83 -1.87 -2.38
CA THR A 151 10.13 -1.79 -1.74
C THR A 151 10.75 -0.44 -2.07
N ALA A 152 11.49 0.10 -1.12
CA ALA A 152 12.22 1.35 -1.36
C ALA A 152 13.71 1.10 -1.31
N VAL A 153 14.42 1.65 -2.29
CA VAL A 153 15.87 1.75 -2.27
C VAL A 153 16.21 3.22 -2.09
N VAL A 154 16.86 3.54 -0.97
CA VAL A 154 17.14 4.92 -0.57
C VAL A 154 18.64 5.08 -0.55
N THR A 155 19.15 6.05 -1.31
CA THR A 155 20.59 6.28 -1.40
C THR A 155 20.91 7.74 -1.09
N ASN A 156 22.14 7.95 -0.66
CA ASN A 156 22.62 9.27 -0.26
C ASN A 156 23.92 9.58 -1.01
N CYS B 42 -16.82 -14.84 9.99
CA CYS B 42 -15.73 -13.87 9.98
C CYS B 42 -15.40 -13.43 8.56
N PRO B 43 -16.12 -12.43 8.08
CA PRO B 43 -15.94 -12.01 6.67
C PRO B 43 -14.61 -11.34 6.38
N LEU B 44 -13.91 -10.79 7.36
CA LEU B 44 -12.67 -10.08 7.12
C LEU B 44 -11.68 -10.44 8.22
N MET B 45 -10.51 -10.93 7.83
CA MET B 45 -9.44 -11.28 8.76
C MET B 45 -8.14 -10.75 8.20
N VAL B 46 -7.26 -10.26 9.08
CA VAL B 46 -5.97 -9.73 8.67
C VAL B 46 -4.89 -10.49 9.43
N LYS B 47 -3.84 -10.90 8.72
CA LYS B 47 -2.73 -11.60 9.30
C LYS B 47 -1.45 -10.86 8.94
N VAL B 48 -0.57 -10.67 9.92
CA VAL B 48 0.64 -9.87 9.72
C VAL B 48 1.83 -10.68 10.20
N LEU B 49 2.87 -10.75 9.37
CA LEU B 49 4.08 -11.51 9.64
C LEU B 49 5.28 -10.58 9.60
N ASP B 50 6.29 -10.91 10.41
CA ASP B 50 7.54 -10.16 10.52
C ASP B 50 8.61 -10.97 9.78
N ALA B 51 9.10 -10.41 8.66
CA ALA B 51 10.07 -11.07 7.80
C ALA B 51 11.50 -10.91 8.31
N VAL B 52 11.71 -10.04 9.31
CA VAL B 52 13.03 -9.89 9.90
C VAL B 52 13.28 -10.96 10.94
N ARG B 53 12.29 -11.20 11.81
CA ARG B 53 12.40 -12.17 12.89
C ARG B 53 11.79 -13.53 12.59
N GLY B 54 11.03 -13.68 11.50
CA GLY B 54 10.40 -14.96 11.21
C GLY B 54 9.32 -15.35 12.21
N SER B 55 8.42 -14.42 12.48
CA SER B 55 7.47 -14.56 13.57
C SER B 55 6.18 -13.88 13.16
N PRO B 56 5.06 -14.20 13.78
CA PRO B 56 3.89 -13.32 13.68
C PRO B 56 4.29 -11.93 14.17
N ALA B 57 3.67 -10.92 13.57
CA ALA B 57 3.83 -9.55 14.04
C ALA B 57 2.69 -9.27 15.02
N ILE B 58 3.04 -9.17 16.29
CA ILE B 58 2.08 -9.10 17.39
C ILE B 58 1.86 -7.64 17.75
N ASN B 59 0.63 -7.32 18.17
CA ASN B 59 0.30 -5.99 18.65
C ASN B 59 0.42 -4.92 17.58
N VAL B 60 0.20 -5.30 16.33
CA VAL B 60 0.20 -4.35 15.23
C VAL B 60 -1.19 -3.75 15.14
N ALA B 61 -1.27 -2.43 15.27
CA ALA B 61 -2.55 -1.73 15.21
C ALA B 61 -2.96 -1.47 13.77
N MET B 62 -4.26 -1.51 13.53
CA MET B 62 -4.78 -1.11 12.22
C MET B 62 -6.20 -0.56 12.35
N HIS B 63 -6.55 0.33 11.42
CA HIS B 63 -7.91 0.83 11.26
C HIS B 63 -8.42 0.42 9.88
N VAL B 64 -9.71 0.13 9.82
CA VAL B 64 -10.40 -0.14 8.56
C VAL B 64 -11.37 1.01 8.32
N PHE B 65 -11.39 1.53 7.08
CA PHE B 65 -12.30 2.59 6.69
C PHE B 65 -13.09 2.13 5.48
N ARG B 66 -14.28 2.72 5.32
CA ARG B 66 -15.11 2.48 4.14
C ARG B 66 -15.31 3.81 3.43
N LYS B 67 -15.12 3.82 2.11
CA LYS B 67 -15.20 5.06 1.37
C LYS B 67 -16.64 5.55 1.30
N ALA B 68 -16.85 6.83 1.60
CA ALA B 68 -18.18 7.41 1.60
C ALA B 68 -18.48 8.08 0.26
N ALA B 69 -19.72 8.55 0.11
CA ALA B 69 -20.17 9.08 -1.17
C ALA B 69 -19.47 10.38 -1.55
N ASP B 70 -18.93 11.11 -0.57
CA ASP B 70 -18.18 12.33 -0.82
C ASP B 70 -16.70 12.07 -1.04
N ASP B 71 -16.30 10.79 -1.14
CA ASP B 71 -14.90 10.38 -1.27
C ASP B 71 -14.07 10.68 -0.04
N THR B 72 -14.68 10.57 1.14
CA THR B 72 -13.98 10.61 2.40
C THR B 72 -14.01 9.21 3.01
N TRP B 73 -13.06 8.94 3.88
CA TRP B 73 -12.90 7.62 4.46
C TRP B 73 -13.63 7.57 5.81
N GLU B 74 -14.73 6.81 5.86
CA GLU B 74 -15.53 6.70 7.06
C GLU B 74 -14.97 5.61 7.96
N PRO B 75 -14.81 5.87 9.26
CA PRO B 75 -14.37 4.81 10.18
C PRO B 75 -15.30 3.60 10.10
N PHE B 76 -14.70 2.41 10.06
CA PHE B 76 -15.46 1.17 9.90
C PHE B 76 -15.15 0.16 11.01
N ALA B 77 -13.86 -0.13 11.21
CA ALA B 77 -13.45 -1.17 12.13
C ALA B 77 -12.01 -0.90 12.55
N SER B 78 -11.60 -1.52 13.67
CA SER B 78 -10.19 -1.43 14.05
C SER B 78 -9.80 -2.52 15.06
N GLY B 79 -8.50 -2.69 15.26
CA GLY B 79 -8.03 -3.60 16.28
C GLY B 79 -6.52 -3.72 16.21
N LYS B 80 -5.98 -4.68 16.96
CA LYS B 80 -4.56 -4.98 16.88
C LYS B 80 -4.35 -6.48 16.81
N THR B 81 -3.24 -6.89 16.18
CA THR B 81 -3.01 -8.31 16.00
C THR B 81 -2.72 -9.01 17.33
N SER B 82 -3.13 -10.28 17.39
CA SER B 82 -2.97 -11.14 18.55
C SER B 82 -1.57 -11.73 18.55
N GLU B 83 -1.32 -12.62 19.52
CA GLU B 83 -0.03 -13.31 19.60
C GLU B 83 0.24 -14.19 18.39
N SER B 84 -0.80 -14.53 17.61
CA SER B 84 -0.62 -15.29 16.37
C SER B 84 -0.46 -14.38 15.17
N GLY B 85 -0.42 -13.06 15.38
CA GLY B 85 -0.34 -12.12 14.28
C GLY B 85 -1.65 -11.90 13.56
N GLU B 86 -2.77 -12.35 14.11
CA GLU B 86 -4.04 -12.28 13.42
C GLU B 86 -4.99 -11.29 14.10
N LEU B 87 -5.84 -10.68 13.30
CA LEU B 87 -6.91 -9.83 13.81
C LEU B 87 -8.22 -10.36 13.25
N HIS B 88 -9.05 -10.88 14.15
CA HIS B 88 -10.33 -11.49 13.84
C HIS B 88 -11.43 -10.63 14.43
N GLY B 89 -12.65 -10.82 13.92
CA GLY B 89 -13.79 -10.17 14.53
C GLY B 89 -13.94 -8.70 14.19
N LEU B 90 -13.38 -8.26 13.07
CA LEU B 90 -13.49 -6.85 12.70
C LEU B 90 -14.92 -6.47 12.34
N THR B 91 -15.68 -7.39 11.75
CA THR B 91 -17.01 -7.05 11.26
C THR B 91 -17.85 -8.32 11.23
N THR B 92 -19.08 -8.18 10.76
CA THR B 92 -19.99 -9.29 10.58
C THR B 92 -20.47 -9.28 9.15
N GLU B 93 -21.05 -10.40 8.74
CA GLU B 93 -21.51 -10.53 7.36
C GLU B 93 -22.56 -9.48 7.03
N GLU B 94 -23.51 -9.23 7.94
CA GLU B 94 -24.55 -8.24 7.63
C GLU B 94 -24.02 -6.81 7.63
N GLU B 95 -22.97 -6.52 8.40
CA GLU B 95 -22.39 -5.18 8.39
C GLU B 95 -21.49 -4.93 7.18
N PHE B 96 -20.85 -5.97 6.65
CA PHE B 96 -19.80 -5.79 5.65
C PHE B 96 -20.51 -5.89 4.31
N VAL B 97 -20.84 -4.73 3.73
CA VAL B 97 -21.59 -4.68 2.49
C VAL B 97 -20.66 -4.15 1.41
N GLU B 98 -21.18 -3.99 0.20
CA GLU B 98 -20.38 -3.45 -0.88
C GLU B 98 -19.76 -2.14 -0.47
N GLY B 99 -18.54 -1.95 -0.92
CA GLY B 99 -17.90 -0.66 -0.78
C GLY B 99 -16.45 -0.81 -1.12
N ILE B 100 -15.78 0.33 -1.11
CA ILE B 100 -14.35 0.37 -1.18
C ILE B 100 -13.85 0.51 0.25
N TYR B 101 -12.99 -0.43 0.66
CA TYR B 101 -12.47 -0.47 2.01
C TYR B 101 -10.97 -0.22 2.00
N LYS B 102 -10.48 0.39 3.08
CA LYS B 102 -9.07 0.65 3.25
C LYS B 102 -8.65 0.11 4.62
N VAL B 103 -7.68 -0.78 4.62
CA VAL B 103 -7.03 -1.23 5.86
C VAL B 103 -5.71 -0.49 5.97
N GLU B 104 -5.56 0.33 7.00
CA GLU B 104 -4.37 1.12 7.25
C GLU B 104 -3.66 0.47 8.44
N ILE B 105 -2.53 -0.18 8.16
CA ILE B 105 -1.80 -0.96 9.17
C ILE B 105 -0.62 -0.13 9.65
N ASP B 106 -0.51 0.08 10.98
CA ASP B 106 0.55 0.97 11.44
C ASP B 106 1.80 0.11 11.61
N THR B 107 2.55 0.01 10.51
CA THR B 107 3.78 -0.74 10.48
C THR B 107 4.92 0.08 11.04
N LYS B 108 4.81 1.41 10.96
CA LYS B 108 5.89 2.25 11.46
C LYS B 108 6.08 2.08 12.96
N SER B 109 4.98 2.05 13.73
CA SER B 109 5.09 1.88 15.16
C SER B 109 5.66 0.51 15.51
N TYR B 110 5.37 -0.50 14.71
CA TYR B 110 5.90 -1.83 14.95
C TYR B 110 7.43 -1.82 14.84
N TRP B 111 7.96 -1.21 13.77
CA TRP B 111 9.41 -1.17 13.61
C TRP B 111 10.05 -0.24 14.62
N LYS B 112 9.42 0.88 14.93
CA LYS B 112 10.00 1.80 15.91
C LYS B 112 10.19 1.11 17.26
N ALA B 113 9.26 0.25 17.66
CA ALA B 113 9.37 -0.47 18.92
C ALA B 113 10.54 -1.44 18.90
N LEU B 114 10.95 -1.90 17.72
CA LEU B 114 12.12 -2.76 17.58
C LEU B 114 13.41 -1.99 17.31
N GLY B 115 13.36 -0.66 17.34
CA GLY B 115 14.57 0.12 17.12
C GLY B 115 15.09 0.09 15.71
N ILE B 116 14.21 -0.10 14.71
CA ILE B 116 14.59 -0.12 13.30
C ILE B 116 13.81 0.98 12.59
N SER B 117 14.52 1.84 11.86
CA SER B 117 13.90 3.00 11.23
C SER B 117 13.31 2.59 9.89
N PRO B 118 12.00 2.50 9.75
CA PRO B 118 11.42 1.91 8.54
C PRO B 118 11.17 2.95 7.46
N PHE B 119 10.81 2.45 6.28
CA PHE B 119 10.49 3.33 5.17
C PHE B 119 9.07 3.84 5.23
N HIS B 120 8.10 2.95 5.41
CA HIS B 120 6.70 3.32 5.20
C HIS B 120 6.09 3.95 6.46
N GLU B 121 5.21 4.92 6.26
CA GLU B 121 4.42 5.42 7.40
C GLU B 121 3.45 4.36 7.88
N HIS B 122 2.87 3.62 6.95
CA HIS B 122 1.93 2.55 7.25
C HIS B 122 1.78 1.75 5.96
N ALA B 123 1.03 0.65 6.05
CA ALA B 123 0.65 -0.09 4.86
C ALA B 123 -0.84 0.09 4.66
N GLU B 124 -1.24 0.46 3.43
CA GLU B 124 -2.64 0.73 3.10
C GLU B 124 -3.11 -0.29 2.07
N VAL B 125 -4.12 -1.07 2.42
CA VAL B 125 -4.68 -2.09 1.54
C VAL B 125 -6.07 -1.60 1.16
N VAL B 126 -6.27 -1.27 -0.12
CA VAL B 126 -7.49 -0.64 -0.59
C VAL B 126 -8.12 -1.57 -1.62
N PHE B 127 -9.39 -1.92 -1.42
CA PHE B 127 -10.03 -2.93 -2.27
C PHE B 127 -11.53 -2.75 -2.25
N THR B 128 -12.17 -3.16 -3.35
CA THR B 128 -13.62 -3.23 -3.40
C THR B 128 -14.06 -4.58 -2.85
N ALA B 129 -15.02 -4.56 -1.93
CA ALA B 129 -15.53 -5.78 -1.33
C ALA B 129 -17.03 -5.87 -1.53
N ASN B 130 -17.50 -7.11 -1.54
CA ASN B 130 -18.90 -7.52 -1.65
C ASN B 130 -19.55 -6.95 -2.94
N SER B 132 -20.61 -8.38 -5.25
CA SER B 132 -21.07 -9.62 -5.85
C SER B 132 -21.82 -10.41 -4.80
N GLY B 133 -22.10 -9.76 -3.67
CA GLY B 133 -22.65 -10.40 -2.52
C GLY B 133 -21.54 -10.63 -1.52
N PRO B 134 -21.90 -11.14 -0.35
CA PRO B 134 -20.88 -11.44 0.66
C PRO B 134 -19.77 -12.34 0.11
N ARG B 135 -18.54 -12.05 0.56
CA ARG B 135 -17.39 -12.94 0.38
C ARG B 135 -16.62 -12.94 1.70
N ARG B 136 -15.72 -13.92 1.85
CA ARG B 136 -14.78 -13.96 2.98
C ARG B 136 -13.40 -13.54 2.52
N TYR B 137 -12.81 -12.59 3.24
CA TYR B 137 -11.55 -11.96 2.83
C TYR B 137 -10.49 -12.19 3.91
N THR B 138 -9.35 -12.75 3.51
CA THR B 138 -8.17 -12.78 4.36
C THR B 138 -7.10 -11.91 3.71
N ILE B 139 -6.66 -10.90 4.45
CA ILE B 139 -5.60 -9.99 4.02
C ILE B 139 -4.36 -10.39 4.79
N ALA B 140 -3.30 -10.73 4.07
CA ALA B 140 -2.01 -11.04 4.68
C ALA B 140 -1.04 -9.89 4.37
N ALA B 141 -0.26 -9.51 5.36
CA ALA B 141 0.77 -8.50 5.17
C ALA B 141 2.08 -9.07 5.68
N LEU B 142 3.13 -8.97 4.89
CA LEU B 142 4.45 -9.46 5.24
C LEU B 142 5.34 -8.23 5.33
N LEU B 143 5.90 -8.00 6.51
CA LEU B 143 6.56 -6.74 6.83
C LEU B 143 8.08 -6.89 6.86
N SER B 144 8.77 -5.99 6.18
CA SER B 144 10.18 -5.73 6.36
C SER B 144 10.35 -4.23 6.51
N PRO B 145 11.48 -3.77 7.04
CA PRO B 145 11.62 -2.32 7.27
C PRO B 145 11.46 -1.46 6.03
N TYR B 146 12.04 -1.87 4.90
CA TYR B 146 11.97 -1.14 3.64
C TYR B 146 11.05 -1.76 2.59
N SER B 147 10.26 -2.75 2.95
CA SER B 147 9.42 -3.40 1.95
C SER B 147 8.23 -4.03 2.65
N TYR B 148 7.08 -4.03 1.99
CA TYR B 148 6.00 -4.88 2.49
C TYR B 148 5.28 -5.50 1.32
N SER B 149 4.74 -6.68 1.55
CA SER B 149 3.92 -7.34 0.57
C SER B 149 2.54 -7.59 1.17
N THR B 150 1.52 -7.52 0.34
CA THR B 150 0.20 -7.83 0.81
C THR B 150 -0.51 -8.71 -0.19
N THR B 151 -1.22 -9.69 0.32
CA THR B 151 -1.91 -10.67 -0.49
C THR B 151 -3.33 -10.83 0.03
N ALA B 152 -4.26 -11.14 -0.86
CA ALA B 152 -5.63 -11.38 -0.47
C ALA B 152 -6.02 -12.78 -0.89
N VAL B 153 -6.67 -13.50 0.02
CA VAL B 153 -7.32 -14.77 -0.26
C VAL B 153 -8.81 -14.55 -0.11
N VAL B 154 -9.55 -14.81 -1.18
CA VAL B 154 -11.00 -14.62 -1.20
C VAL B 154 -11.57 -16.00 -1.46
N THR B 155 -12.27 -16.57 -0.47
CA THR B 155 -12.72 -17.95 -0.54
C THR B 155 -14.21 -18.03 -0.23
N ASN B 156 -14.72 -19.26 -0.20
CA ASN B 156 -16.10 -19.55 0.16
C ASN B 156 -16.16 -20.68 1.19
OAX AJU C . 3.12 -5.23 -23.60
CAW AJU C . 2.97 -4.01 -23.87
OAY AJU C . 3.64 -3.51 -24.80
CAV AJU C . 2.05 -3.24 -23.16
CAU AJU C . 1.82 -1.93 -23.55
CAQ AJU C . 0.91 -1.17 -22.84
OAP AJU C . 0.61 0.12 -23.14
CAO AJU C . 1.33 0.66 -24.26
CAN AJU C . 0.84 2.09 -24.51
OAM AJU C . -0.56 2.05 -24.84
CAL AJU C . -1.11 3.35 -25.13
CAK AJU C . -2.49 3.14 -25.73
OAJ AJU C . -3.32 2.43 -24.77
CAI AJU C . -4.15 3.38 -24.10
CAH AJU C . -5.00 2.69 -23.05
OAG AJU C . -4.15 2.20 -22.02
CAA AJU C . -4.95 1.65 -20.93
CAB AJU C . -4.04 1.12 -19.84
OAC AJU C . -3.16 0.15 -20.40
CAD AJU C . -2.29 -0.41 -19.41
CAE AJU C . -1.40 -1.46 -20.07
OAF AJU C . -0.67 -0.86 -21.15
CAR AJU C . 0.21 -1.71 -21.77
CAS AJU C . 0.43 -3.03 -21.36
CAT AJU C . 1.36 -3.79 -22.08
OAX AJU D . 15.60 -12.01 15.03
CAW AJU D . 16.49 -11.68 14.21
OAY AJU D . 17.16 -12.56 13.62
CAV AJU D . 16.74 -10.33 13.96
CAU AJU D . 16.31 -9.38 14.86
CAQ AJU D . 16.56 -8.03 14.60
OAP AJU D . 16.18 -7.02 15.45
CAO AJU D . 15.56 -7.52 16.64
CAN AJU D . 15.41 -6.37 17.61
OAM AJU D . 16.70 -5.77 17.82
CAL AJU D . 16.80 -5.12 19.10
CAK AJU D . 17.03 -3.62 18.95
OAJ AJU D . 18.22 -3.38 18.18
CAI AJU D . 18.31 -1.96 17.94
CAH AJU D . 19.23 -1.68 16.76
OAG AJU D . 18.71 -2.30 15.56
CAA AJU D . 19.54 -1.90 14.45
CAB AJU D . 18.99 -2.49 13.15
OAC AJU D . 18.98 -3.92 13.24
CAD AJU D . 18.42 -4.48 12.03
CAE AJU D . 18.32 -6.00 12.18
OAF AJU D . 17.46 -6.31 13.30
CAR AJU D . 17.25 -7.64 13.46
CAS AJU D . 17.68 -8.61 12.55
CAT AJU D . 17.43 -9.96 12.81
#